data_8C4L
#
_entry.id   8C4L
#
_cell.length_a   82.441
_cell.length_b   82.441
_cell.length_c   250.852
_cell.angle_alpha   90.000
_cell.angle_beta   90.000
_cell.angle_gamma   90.000
#
_symmetry.space_group_name_H-M   'P 43 21 2'
#
loop_
_entity.id
_entity.type
_entity.pdbx_description
1 polymer 'Vibriobactin utilization protein ViuB'
2 non-polymer 'FLAVIN-ADENINE DINUCLEOTIDE'
3 water water
#
_entity_poly.entity_id   1
_entity_poly.type   'polypeptide(L)'
_entity_poly.pdbx_seq_one_letter_code
;MNRPAPRELTVIGKTQVTPHMLRITLGGAGFAGFPADQESAYIKLLFPQQGDERPLMRTYTIRQQRMNEIDVDFVLHDTD
GPASRWAKSTEIGDTIQIGGPGLKKLINLNAEWFLLAGDMTALPAISVNLTQLPNNAVGYAVIEVLSEADIQPLVHPRNV
QLHWVINPEADPEGKPLAERIAQLPKLEGQGAVWLACEFSSMRALRKLLKQTYDLPKSHFYTSSYWKIGCNEGEHKLVKQ
QDEQLENNTVG
;
_entity_poly.pdbx_strand_id   A,B
#
# COMPACT_ATOMS: atom_id res chain seq x y z
N PRO A 4 6.11 -18.59 20.34
CA PRO A 4 5.46 -17.74 19.33
C PRO A 4 6.21 -17.72 17.99
N ALA A 5 5.69 -18.45 16.97
CA ALA A 5 6.41 -18.59 15.70
C ALA A 5 6.21 -17.36 14.83
N PRO A 6 7.28 -16.88 14.22
CA PRO A 6 7.19 -15.62 13.49
C PRO A 6 6.36 -15.73 12.22
N ARG A 7 5.79 -14.59 11.84
CA ARG A 7 4.94 -14.49 10.67
C ARG A 7 5.80 -14.22 9.45
N GLU A 8 5.48 -14.86 8.34
CA GLU A 8 6.17 -14.60 7.09
C GLU A 8 5.28 -13.70 6.26
N LEU A 9 5.76 -12.48 5.99
CA LEU A 9 5.02 -11.49 5.22
C LEU A 9 5.74 -11.21 3.91
N THR A 10 4.97 -10.77 2.91
CA THR A 10 5.49 -10.48 1.58
C THR A 10 5.57 -8.97 1.38
N VAL A 11 6.69 -8.54 0.78
CA VAL A 11 6.82 -7.15 0.36
C VAL A 11 5.85 -6.89 -0.79
N ILE A 12 4.90 -5.98 -0.55
CA ILE A 12 3.87 -5.69 -1.56
C ILE A 12 3.85 -4.23 -1.97
N GLY A 13 4.81 -3.42 -1.52
CA GLY A 13 4.90 -2.05 -1.97
C GLY A 13 6.09 -1.36 -1.34
N LYS A 14 6.66 -0.38 -2.06
CA LYS A 14 7.76 0.44 -1.58
C LYS A 14 7.50 1.86 -2.05
N THR A 15 7.75 2.80 -1.15
CA THR A 15 7.51 4.22 -1.36
C THR A 15 8.63 4.98 -0.69
N GLN A 16 9.31 5.81 -1.45
CA GLN A 16 10.30 6.72 -0.88
C GLN A 16 9.55 7.91 -0.31
N VAL A 17 9.36 7.94 1.00
CA VAL A 17 8.59 9.02 1.60
C VAL A 17 9.37 10.33 1.54
N THR A 18 10.64 10.30 1.97
CA THR A 18 11.57 11.42 1.83
C THR A 18 12.91 10.78 1.49
N PRO A 19 13.96 11.55 1.20
CA PRO A 19 15.19 10.90 0.74
C PRO A 19 15.73 9.89 1.70
N HIS A 20 15.61 10.09 3.01
CA HIS A 20 16.13 9.13 3.99
C HIS A 20 15.04 8.34 4.72
N MET A 21 13.81 8.30 4.22
CA MET A 21 12.74 7.52 4.85
C MET A 21 12.08 6.67 3.78
N LEU A 22 12.21 5.37 3.90
CA LEU A 22 11.72 4.43 2.90
C LEU A 22 10.64 3.56 3.53
N ARG A 23 9.44 3.57 2.97
CA ARG A 23 8.30 2.85 3.52
C ARG A 23 8.09 1.55 2.76
N ILE A 24 8.09 0.44 3.49
CA ILE A 24 7.85 -0.89 2.95
C ILE A 24 6.48 -1.38 3.43
N THR A 25 5.66 -1.82 2.50
CA THR A 25 4.36 -2.41 2.83
C THR A 25 4.47 -3.93 2.86
N LEU A 26 3.98 -4.54 3.92
CA LEU A 26 4.08 -5.98 4.14
C LEU A 26 2.71 -6.58 4.37
N GLY A 27 2.42 -7.69 3.71
CA GLY A 27 1.19 -8.40 4.01
C GLY A 27 1.13 -9.79 3.42
N GLY A 28 -0.06 -10.27 3.13
CA GLY A 28 -0.21 -11.60 2.63
C GLY A 28 -0.74 -12.56 3.66
N ALA A 29 -0.63 -13.85 3.31
CA ALA A 29 -1.30 -14.91 4.08
C ALA A 29 -0.75 -15.00 5.49
N GLY A 30 0.53 -14.70 5.69
CA GLY A 30 1.09 -14.71 7.02
C GLY A 30 0.50 -13.69 7.94
N PHE A 31 -0.27 -12.74 7.40
CA PHE A 31 -0.88 -11.67 8.21
C PHE A 31 -2.14 -12.10 8.93
N ALA A 32 -2.72 -13.22 8.53
CA ALA A 32 -3.98 -13.68 9.10
C ALA A 32 -3.86 -13.74 10.61
N GLY A 33 -4.85 -13.17 11.29
CA GLY A 33 -4.88 -13.18 12.72
C GLY A 33 -4.13 -12.04 13.37
N PHE A 34 -3.43 -11.23 12.60
CA PHE A 34 -2.64 -10.15 13.18
C PHE A 34 -3.54 -9.25 14.01
N PRO A 35 -3.18 -8.95 15.25
CA PRO A 35 -4.04 -8.13 16.11
C PRO A 35 -4.38 -6.80 15.47
N ALA A 36 -5.61 -6.37 15.70
CA ALA A 36 -6.08 -5.14 15.08
C ALA A 36 -5.53 -3.90 15.80
N ASP A 37 -5.54 -2.78 15.08
CA ASP A 37 -5.25 -1.45 15.64
C ASP A 37 -3.95 -1.42 16.45
N GLN A 38 -2.86 -1.78 15.79
CA GLN A 38 -1.54 -1.82 16.42
C GLN A 38 -0.60 -0.74 15.92
N GLU A 39 -1.13 0.31 15.28
CA GLU A 39 -0.24 1.38 14.83
C GLU A 39 0.53 1.95 16.02
N SER A 40 1.83 2.12 15.83
CA SER A 40 2.87 2.60 16.75
C SER A 40 3.38 1.46 17.65
N ALA A 41 2.77 0.27 17.63
CA ALA A 41 3.41 -0.86 18.28
C ALA A 41 4.68 -1.25 17.53
N TYR A 42 5.59 -1.92 18.21
CA TYR A 42 6.84 -2.32 17.58
C TYR A 42 6.75 -3.74 17.08
N ILE A 43 7.49 -4.03 16.03
CA ILE A 43 7.68 -5.39 15.55
C ILE A 43 9.17 -5.65 15.46
N LYS A 44 9.53 -6.92 15.32
CA LYS A 44 10.91 -7.36 15.16
C LYS A 44 11.07 -7.98 13.78
N LEU A 45 12.01 -7.46 13.01
CA LEU A 45 12.39 -8.08 11.74
C LEU A 45 13.54 -9.08 11.96
N LEU A 46 13.43 -10.26 11.36
CA LEU A 46 14.41 -11.31 11.55
C LEU A 46 15.25 -11.44 10.30
N PHE A 47 16.57 -11.43 10.46
CA PHE A 47 17.50 -11.58 9.34
C PHE A 47 18.31 -12.83 9.58
N PRO A 48 18.07 -13.89 8.83
CA PRO A 48 18.73 -15.16 9.13
C PRO A 48 20.23 -15.07 8.90
N GLN A 49 20.95 -15.81 9.73
CA GLN A 49 22.41 -15.83 9.72
C GLN A 49 22.93 -17.20 9.28
N GLN A 50 24.16 -17.18 8.76
CA GLN A 50 24.80 -18.37 8.23
C GLN A 50 24.91 -19.47 9.28
N GLY A 51 24.43 -20.67 8.92
CA GLY A 51 24.60 -21.85 9.74
C GLY A 51 23.78 -21.86 11.02
N ASP A 52 24.35 -22.49 12.05
CA ASP A 52 23.74 -22.67 13.38
C ASP A 52 23.34 -21.34 14.04
N GLU A 53 23.75 -20.21 13.49
CA GLU A 53 23.52 -18.94 14.16
C GLU A 53 22.03 -18.58 14.12
N ARG A 54 21.53 -18.12 15.26
CA ARG A 54 20.17 -17.61 15.33
C ARG A 54 20.10 -16.30 14.56
N PRO A 55 18.92 -15.95 14.07
CA PRO A 55 18.81 -14.75 13.25
C PRO A 55 19.03 -13.50 14.08
N LEU A 56 19.53 -12.46 13.40
CA LEU A 56 19.56 -11.13 13.97
C LEU A 56 18.16 -10.53 13.96
N MET A 57 17.88 -9.71 14.98
CA MET A 57 16.58 -9.08 15.11
C MET A 57 16.74 -7.56 15.20
N ARG A 58 15.84 -6.85 14.53
CA ARG A 58 15.82 -5.41 14.54
C ARG A 58 14.41 -4.91 14.82
N THR A 59 14.31 -3.84 15.60
CA THR A 59 13.04 -3.30 16.06
C THR A 59 12.57 -2.14 15.18
N TYR A 60 11.32 -2.23 14.72
CA TYR A 60 10.73 -1.20 13.87
C TYR A 60 9.30 -0.94 14.36
N THR A 61 8.77 0.17 13.93
CA THR A 61 7.45 0.62 14.31
C THR A 61 6.45 0.31 13.21
N ILE A 62 5.24 -0.08 13.62
CA ILE A 62 4.12 -0.17 12.70
C ILE A 62 3.63 1.25 12.43
N ARG A 63 3.92 1.75 11.22
CA ARG A 63 3.58 3.10 10.85
C ARG A 63 2.11 3.26 10.52
N GLN A 64 1.56 2.32 9.75
CA GLN A 64 0.17 2.31 9.34
C GLN A 64 -0.28 0.86 9.27
N GLN A 65 -1.56 0.64 9.50
CA GLN A 65 -2.11 -0.72 9.47
C GLN A 65 -3.44 -0.68 8.75
N ARG A 66 -3.62 -1.61 7.81
CA ARG A 66 -4.86 -1.75 7.05
C ARG A 66 -5.36 -3.20 7.20
N MET A 67 -6.41 -3.54 6.45
CA MET A 67 -7.09 -4.83 6.67
C MET A 67 -6.12 -6.02 6.64
N ASN A 68 -5.25 -6.09 5.64
CA ASN A 68 -4.40 -7.26 5.44
C ASN A 68 -2.93 -6.88 5.25
N GLU A 69 -2.49 -5.75 5.79
CA GLU A 69 -1.11 -5.31 5.56
C GLU A 69 -0.72 -4.24 6.59
N ILE A 70 0.59 -4.07 6.80
CA ILE A 70 1.18 -2.97 7.55
C ILE A 70 2.24 -2.28 6.71
N ASP A 71 2.48 -1.00 7.02
CA ASP A 71 3.59 -0.21 6.52
C ASP A 71 4.62 -0.02 7.62
N VAL A 72 5.89 -0.15 7.25
CA VAL A 72 7.01 0.09 8.13
C VAL A 72 7.92 1.07 7.45
N ASP A 73 8.31 2.12 8.17
CA ASP A 73 9.13 3.20 7.66
C ASP A 73 10.57 3.01 8.17
N PHE A 74 11.52 2.95 7.24
CA PHE A 74 12.93 2.71 7.53
C PHE A 74 13.72 3.98 7.30
N VAL A 75 14.45 4.41 8.32
CA VAL A 75 15.45 5.46 8.14
C VAL A 75 16.65 4.89 7.39
N LEU A 76 17.03 5.57 6.30
CA LEU A 76 18.17 5.14 5.49
C LEU A 76 19.40 5.78 6.11
N HIS A 77 19.80 5.20 7.22
CA HIS A 77 20.78 5.82 8.07
C HIS A 77 22.20 5.56 7.59
N ASP A 78 23.09 6.45 8.03
CA ASP A 78 24.53 6.25 7.90
C ASP A 78 24.92 4.91 8.50
N THR A 79 25.86 4.24 7.84
CA THR A 79 26.39 2.97 8.33
C THR A 79 25.34 1.88 8.30
N ASP A 80 25.10 1.34 7.11
CA ASP A 80 24.07 0.33 6.93
C ASP A 80 24.24 -0.81 7.93
N GLY A 81 23.11 -1.29 8.43
CA GLY A 81 23.01 -2.55 9.11
C GLY A 81 22.15 -3.50 8.27
N PRO A 82 21.90 -4.69 8.79
CA PRO A 82 21.09 -5.64 8.04
C PRO A 82 19.72 -5.11 7.68
N ALA A 83 19.09 -4.32 8.55
CA ALA A 83 17.72 -3.92 8.24
C ALA A 83 17.70 -2.84 7.17
N SER A 84 18.54 -1.82 7.33
CA SER A 84 18.52 -0.73 6.35
C SER A 84 18.99 -1.21 4.99
N ARG A 85 19.99 -2.11 4.94
CA ARG A 85 20.39 -2.71 3.67
C ARG A 85 19.24 -3.49 3.07
N TRP A 86 18.54 -4.27 3.90
CA TRP A 86 17.42 -5.07 3.42
C TRP A 86 16.34 -4.19 2.84
N ALA A 87 16.01 -3.09 3.52
CA ALA A 87 14.93 -2.25 3.02
C ALA A 87 15.26 -1.68 1.65
N LYS A 88 16.49 -1.27 1.42
CA LYS A 88 16.84 -0.70 0.12
C LYS A 88 16.85 -1.76 -0.99
N SER A 89 17.31 -2.98 -0.67
CA SER A 89 17.49 -3.99 -1.70
C SER A 89 16.26 -4.85 -1.96
N THR A 90 15.31 -4.90 -1.04
CA THR A 90 14.23 -5.86 -1.19
C THR A 90 13.29 -5.45 -2.33
N GLU A 91 12.64 -6.44 -2.91
CA GLU A 91 11.77 -6.25 -4.06
C GLU A 91 10.39 -6.84 -3.77
N ILE A 92 9.39 -6.29 -4.46
CA ILE A 92 8.07 -6.87 -4.33
C ILE A 92 8.15 -8.35 -4.60
N GLY A 93 7.51 -9.12 -3.76
CA GLY A 93 7.52 -10.54 -3.89
C GLY A 93 8.43 -11.21 -2.88
N ASP A 94 9.45 -10.50 -2.39
CA ASP A 94 10.33 -11.04 -1.36
C ASP A 94 9.54 -11.17 -0.06
N THR A 95 10.03 -12.03 0.83
CA THR A 95 9.39 -12.24 2.13
C THR A 95 10.39 -12.01 3.26
N ILE A 96 9.86 -11.75 4.44
CA ILE A 96 10.65 -11.58 5.66
C ILE A 96 9.80 -12.04 6.83
N GLN A 97 10.46 -12.62 7.85
CA GLN A 97 9.79 -13.05 9.08
C GLN A 97 9.76 -11.93 10.10
N ILE A 98 8.63 -11.79 10.81
CA ILE A 98 8.54 -10.76 11.84
C ILE A 98 8.00 -11.35 13.12
N GLY A 99 8.43 -10.74 14.23
CA GLY A 99 7.92 -11.05 15.53
C GLY A 99 7.17 -9.85 16.04
N GLY A 100 6.34 -10.06 17.04
CA GLY A 100 5.52 -8.99 17.58
C GLY A 100 4.10 -9.14 17.09
N PRO A 101 3.30 -8.10 17.28
CA PRO A 101 3.65 -6.78 17.83
C PRO A 101 3.85 -6.76 19.33
N GLY A 102 4.67 -5.83 19.81
CA GLY A 102 4.78 -5.57 21.22
C GLY A 102 3.69 -4.62 21.67
N LEU A 103 3.76 -4.24 22.94
CA LEU A 103 2.77 -3.33 23.50
C LEU A 103 3.00 -1.93 23.01
N LYS A 104 1.95 -1.31 22.46
CA LYS A 104 2.10 0.07 22.06
C LYS A 104 2.10 0.95 23.28
N LYS A 105 2.86 2.01 23.21
CA LYS A 105 3.00 2.95 24.32
C LYS A 105 2.70 4.32 23.72
N LEU A 106 1.43 4.67 23.68
CA LEU A 106 0.99 5.96 23.19
C LEU A 106 1.15 7.00 24.27
N ILE A 107 1.33 8.25 23.86
CA ILE A 107 1.35 9.33 24.83
C ILE A 107 0.06 9.30 25.65
N ASN A 108 0.13 9.76 26.89
CA ASN A 108 -1.04 9.75 27.76
C ASN A 108 -2.01 10.84 27.31
N LEU A 109 -3.27 10.46 27.04
CA LEU A 109 -4.26 11.43 26.54
C LEU A 109 -4.97 12.22 27.62
N ASN A 110 -4.78 11.86 28.89
CA ASN A 110 -5.38 12.58 30.00
C ASN A 110 -4.46 13.75 30.35
N ALA A 111 -4.59 14.82 29.56
CA ALA A 111 -3.69 15.95 29.70
C ALA A 111 -4.29 17.18 29.03
N GLU A 112 -3.81 18.33 29.48
CA GLU A 112 -4.18 19.60 28.88
C GLU A 112 -3.22 20.04 27.78
N TRP A 113 -2.00 19.49 27.75
CA TRP A 113 -1.09 19.78 26.67
C TRP A 113 -0.21 18.57 26.44
N PHE A 114 0.43 18.55 25.27
CA PHE A 114 1.19 17.40 24.81
C PHE A 114 2.50 17.87 24.24
N LEU A 115 3.60 17.21 24.63
CA LEU A 115 4.90 17.49 24.03
C LEU A 115 5.52 16.18 23.53
N LEU A 116 5.66 16.04 22.22
CA LEU A 116 6.27 14.89 21.58
C LEU A 116 7.62 15.30 21.02
N ALA A 117 8.62 14.42 21.13
CA ALA A 117 9.92 14.73 20.54
C ALA A 117 10.65 13.45 20.13
N GLY A 118 11.47 13.55 19.10
CA GLY A 118 12.33 12.43 18.72
C GLY A 118 13.09 12.74 17.45
N ASP A 119 13.88 11.75 17.01
CA ASP A 119 14.57 11.82 15.73
C ASP A 119 13.83 10.97 14.70
N MET A 120 14.47 10.68 13.55
CA MET A 120 13.74 10.02 12.49
C MET A 120 13.35 8.61 12.86
N THR A 121 14.06 7.94 13.78
CA THR A 121 13.62 6.61 14.17
C THR A 121 12.30 6.65 14.90
N ALA A 122 11.95 7.80 15.45
CA ALA A 122 10.72 8.00 16.20
C ALA A 122 9.65 8.71 15.40
N LEU A 123 10.00 9.18 14.23
CA LEU A 123 9.00 9.91 13.43
C LEU A 123 7.78 9.04 13.13
N PRO A 124 7.91 7.74 12.84
CA PRO A 124 6.69 6.96 12.64
C PRO A 124 5.77 6.94 13.85
N ALA A 125 6.31 6.68 15.01
CA ALA A 125 5.47 6.61 16.20
C ALA A 125 4.89 7.98 16.54
N ILE A 126 5.66 9.04 16.34
CA ILE A 126 5.15 10.38 16.58
C ILE A 126 4.02 10.69 15.63
N SER A 127 4.17 10.32 14.35
CA SER A 127 3.11 10.52 13.37
C SER A 127 1.82 9.83 13.83
N VAL A 128 1.91 8.60 14.30
CA VAL A 128 0.71 7.90 14.76
C VAL A 128 0.14 8.61 15.98
N ASN A 129 0.99 8.97 16.94
CA ASN A 129 0.49 9.67 18.12
C ASN A 129 -0.23 10.95 17.73
N LEU A 130 0.27 11.66 16.73
CA LEU A 130 -0.36 12.93 16.36
C LEU A 130 -1.77 12.71 15.85
N THR A 131 -2.03 11.57 15.21
CA THR A 131 -3.36 11.26 14.73
C THR A 131 -4.32 10.85 15.82
N GLN A 132 -3.84 10.44 17.00
CA GLN A 132 -4.73 10.06 18.11
C GLN A 132 -5.06 11.22 19.04
N LEU A 133 -4.38 12.32 18.94
CA LEU A 133 -4.69 13.46 19.80
C LEU A 133 -6.03 14.08 19.39
N PRO A 134 -6.77 14.66 20.35
CA PRO A 134 -8.00 15.37 19.98
C PRO A 134 -7.67 16.57 19.11
N ASN A 135 -8.64 16.97 18.29
CA ASN A 135 -8.40 18.02 17.30
C ASN A 135 -8.05 19.35 17.97
N ASN A 136 -8.52 19.57 19.19
CA ASN A 136 -8.27 20.82 19.91
C ASN A 136 -6.99 20.77 20.76
N ALA A 137 -6.18 19.74 20.57
CA ALA A 137 -4.99 19.59 21.40
C ALA A 137 -4.04 20.73 21.18
N VAL A 138 -3.27 21.00 22.25
CA VAL A 138 -2.27 22.05 22.31
C VAL A 138 -0.92 21.43 22.69
N GLY A 139 0.13 21.86 22.01
CA GLY A 139 1.48 21.57 22.47
C GLY A 139 2.49 21.62 21.34
N TYR A 140 3.45 20.72 21.38
CA TYR A 140 4.53 20.73 20.42
C TYR A 140 4.84 19.31 19.98
N ALA A 141 5.28 19.16 18.74
CA ALA A 141 5.98 17.97 18.30
C ALA A 141 7.26 18.42 17.63
N VAL A 142 8.39 17.98 18.17
CA VAL A 142 9.71 18.46 17.78
C VAL A 142 10.48 17.28 17.24
N ILE A 143 10.86 17.33 15.96
CA ILE A 143 11.46 16.19 15.30
C ILE A 143 12.77 16.58 14.64
N GLU A 144 13.80 15.80 14.93
CA GLU A 144 15.12 15.99 14.36
C GLU A 144 15.24 15.14 13.10
N VAL A 145 15.52 15.78 11.98
CA VAL A 145 15.62 15.14 10.68
C VAL A 145 16.99 15.47 10.08
N LEU A 146 17.40 14.63 9.12
CA LEU A 146 18.74 14.70 8.55
C LEU A 146 18.91 15.84 7.57
N SER A 147 17.82 16.29 6.94
CA SER A 147 17.85 17.35 5.95
C SER A 147 16.45 17.96 5.84
N GLU A 148 16.38 19.15 5.25
CA GLU A 148 15.07 19.79 5.07
C GLU A 148 14.15 18.91 4.25
N ALA A 149 14.69 18.14 3.32
CA ALA A 149 13.88 17.30 2.47
C ALA A 149 13.23 16.16 3.22
N ASP A 150 13.68 15.89 4.45
CA ASP A 150 13.11 14.84 5.27
C ASP A 150 11.99 15.34 6.14
N ILE A 151 11.68 16.62 6.06
CA ILE A 151 10.49 17.15 6.71
C ILE A 151 9.28 16.57 6.00
N GLN A 152 8.27 16.18 6.79
CA GLN A 152 7.07 15.54 6.26
C GLN A 152 5.84 16.38 6.58
N PRO A 153 4.83 16.33 5.71
CA PRO A 153 3.55 17.00 5.96
C PRO A 153 2.62 16.22 6.87
N LEU A 154 2.86 16.26 8.17
CA LEU A 154 2.16 15.36 9.08
C LEU A 154 0.77 15.85 9.42
N VAL A 155 -0.17 14.91 9.54
CA VAL A 155 -1.49 15.22 10.08
C VAL A 155 -1.36 15.50 11.57
N HIS A 156 -1.99 16.58 12.04
CA HIS A 156 -1.82 16.95 13.45
C HIS A 156 -2.89 17.97 13.82
N PRO A 157 -3.24 18.05 15.10
CA PRO A 157 -4.12 19.14 15.57
C PRO A 157 -3.49 20.49 15.31
N ARG A 158 -4.31 21.47 14.90
CA ARG A 158 -3.73 22.74 14.49
C ARG A 158 -2.88 23.37 15.57
N ASN A 159 -3.24 23.22 16.84
CA ASN A 159 -2.50 23.90 17.89
C ASN A 159 -1.47 23.04 18.55
N VAL A 160 -1.17 21.90 17.97
CA VAL A 160 0.06 21.17 18.27
C VAL A 160 1.06 21.58 17.19
N GLN A 161 2.02 22.42 17.55
CA GLN A 161 2.90 23.02 16.58
C GLN A 161 4.07 22.11 16.26
N LEU A 162 4.33 21.91 14.96
CA LEU A 162 5.44 21.08 14.48
C LEU A 162 6.70 21.90 14.47
N HIS A 163 7.77 21.33 14.98
CA HIS A 163 9.07 21.99 14.97
C HIS A 163 10.06 20.99 14.41
N TRP A 164 10.86 21.40 13.44
CA TRP A 164 11.82 20.50 12.82
C TRP A 164 13.22 21.00 13.11
N VAL A 165 14.06 20.11 13.57
CA VAL A 165 15.45 20.39 13.84
C VAL A 165 16.24 19.69 12.76
N ILE A 166 17.08 20.41 12.03
CA ILE A 166 17.78 19.85 10.90
C ILE A 166 19.21 19.58 11.32
N ASN A 167 19.57 18.31 11.37
CA ASN A 167 20.88 17.91 11.86
C ASN A 167 21.41 16.74 11.05
N PRO A 168 22.40 16.93 10.18
CA PRO A 168 22.83 15.86 9.26
C PRO A 168 23.54 14.68 9.91
N GLU A 169 24.00 14.81 11.14
CA GLU A 169 24.68 13.72 11.82
C GLU A 169 24.38 13.81 13.31
N ALA A 170 23.97 12.69 13.88
CA ALA A 170 23.59 12.64 15.28
C ALA A 170 24.73 13.13 16.18
N ASP A 171 24.33 13.80 17.27
CA ASP A 171 25.25 14.43 18.22
C ASP A 171 25.54 13.50 19.38
N PRO A 172 26.77 13.02 19.56
CA PRO A 172 27.06 12.18 20.75
C PRO A 172 26.83 12.88 22.06
N GLU A 173 26.89 14.22 22.09
CA GLU A 173 26.60 14.95 23.32
C GLU A 173 25.12 15.15 23.53
N GLY A 174 24.32 14.92 22.49
CA GLY A 174 22.87 14.94 22.62
C GLY A 174 22.22 16.29 22.75
N LYS A 175 22.75 17.30 22.08
CA LYS A 175 22.31 18.68 22.28
C LYS A 175 21.12 19.13 21.44
N PRO A 176 20.99 18.73 20.17
CA PRO A 176 20.09 19.48 19.25
C PRO A 176 18.62 19.53 19.68
N LEU A 177 18.02 18.39 19.98
CA LEU A 177 16.60 18.42 20.35
C LEU A 177 16.42 19.18 21.65
N ALA A 178 17.29 18.90 22.62
CA ALA A 178 17.19 19.53 23.91
C ALA A 178 17.38 21.04 23.81
N GLU A 179 18.33 21.50 22.98
CA GLU A 179 18.54 22.95 22.93
C GLU A 179 17.35 23.64 22.29
N ARG A 180 16.68 22.98 21.34
CA ARG A 180 15.49 23.55 20.69
C ARG A 180 14.34 23.64 21.68
N ILE A 181 14.09 22.54 22.40
CA ILE A 181 12.96 22.46 23.33
C ILE A 181 13.18 23.34 24.55
N ALA A 182 14.41 23.51 25.00
CA ALA A 182 14.67 24.37 26.14
C ALA A 182 14.28 25.79 25.85
N GLN A 183 14.21 26.19 24.59
CA GLN A 183 13.92 27.56 24.26
C GLN A 183 12.50 27.76 23.78
N LEU A 184 11.67 26.75 23.89
CA LEU A 184 10.25 26.87 23.61
C LEU A 184 9.54 27.44 24.86
N PRO A 185 8.47 28.21 24.66
CA PRO A 185 7.69 28.68 25.81
C PRO A 185 7.25 27.52 26.64
N LYS A 186 7.18 27.74 27.95
CA LYS A 186 6.76 26.69 28.85
C LYS A 186 5.24 26.58 28.81
N LEU A 187 4.74 25.35 28.78
CA LEU A 187 3.31 25.10 28.73
C LEU A 187 2.74 25.06 30.13
N GLU A 188 1.53 25.58 30.28
CA GLU A 188 0.88 25.73 31.56
C GLU A 188 -0.20 24.67 31.69
N GLY A 189 -0.27 24.00 32.83
CA GLY A 189 -1.29 23.01 33.06
C GLY A 189 -0.72 21.61 33.21
N GLN A 190 -1.64 20.63 33.22
CA GLN A 190 -1.26 19.22 33.32
C GLN A 190 -0.81 18.72 31.96
N GLY A 191 0.42 18.23 31.89
CA GLY A 191 1.01 17.83 30.62
C GLY A 191 1.24 16.33 30.49
N ALA A 192 1.49 15.94 29.25
CA ALA A 192 1.98 14.62 28.93
C ALA A 192 3.12 14.74 27.92
N VAL A 193 4.15 13.92 28.13
CA VAL A 193 5.38 13.94 27.33
C VAL A 193 5.62 12.54 26.78
N TRP A 194 6.09 12.49 25.55
CA TRP A 194 6.45 11.25 24.85
C TRP A 194 7.69 11.58 24.05
N LEU A 195 8.80 10.86 24.29
CA LEU A 195 9.97 11.09 23.47
C LEU A 195 10.80 9.82 23.26
N ALA A 196 11.43 9.74 22.10
CA ALA A 196 12.29 8.63 21.76
C ALA A 196 13.27 9.11 20.70
N CYS A 197 14.55 8.78 20.85
CA CYS A 197 15.55 9.24 19.90
C CYS A 197 16.85 8.52 20.21
N GLU A 198 17.95 8.99 19.63
CA GLU A 198 19.26 8.43 19.94
C GLU A 198 19.57 8.60 21.41
N PHE A 199 20.23 7.60 21.98
CA PHE A 199 20.43 7.45 23.42
C PHE A 199 20.89 8.72 24.11
N SER A 200 21.95 9.36 23.58
CA SER A 200 22.49 10.53 24.28
C SER A 200 21.55 11.73 24.22
N SER A 201 20.79 11.87 23.14
CA SER A 201 19.79 12.93 23.07
C SER A 201 18.60 12.61 23.97
N MET A 202 18.26 11.33 24.09
CA MET A 202 17.24 10.91 25.05
C MET A 202 17.63 11.30 26.47
N ARG A 203 18.86 11.02 26.87
CA ARG A 203 19.29 11.38 28.20
C ARG A 203 19.22 12.88 28.43
N ALA A 204 19.62 13.68 27.44
CA ALA A 204 19.61 15.13 27.61
C ALA A 204 18.18 15.66 27.75
N LEU A 205 17.28 15.19 26.89
CA LEU A 205 15.88 15.59 26.97
C LEU A 205 15.21 15.16 28.24
N ARG A 206 15.39 13.90 28.62
CA ARG A 206 14.81 13.44 29.87
C ARG A 206 15.23 14.33 31.03
N LYS A 207 16.52 14.65 31.12
CA LYS A 207 16.98 15.51 32.21
C LYS A 207 16.29 16.86 32.15
N LEU A 208 16.28 17.47 30.95
CA LEU A 208 15.69 18.80 30.79
C LEU A 208 14.24 18.81 31.23
N LEU A 209 13.46 17.86 30.74
CA LEU A 209 12.03 17.93 30.93
C LEU A 209 11.62 17.44 32.31
N LYS A 210 12.42 16.58 32.92
CA LYS A 210 12.22 16.28 34.34
C LYS A 210 12.32 17.55 35.16
N GLN A 211 13.28 18.39 34.83
CA GLN A 211 13.50 19.60 35.58
C GLN A 211 12.43 20.65 35.27
N THR A 212 12.07 20.80 34.00
CA THR A 212 11.14 21.85 33.62
C THR A 212 9.74 21.56 34.14
N TYR A 213 9.27 20.32 34.00
CA TYR A 213 7.89 19.97 34.25
C TYR A 213 7.68 18.97 35.36
N ASP A 214 8.66 18.13 35.67
CA ASP A 214 8.54 17.16 36.74
C ASP A 214 7.19 16.45 36.73
N LEU A 215 6.95 15.69 35.73
CA LEU A 215 5.70 15.00 35.51
C LEU A 215 5.77 13.58 36.07
N PRO A 216 4.65 13.02 36.51
CA PRO A 216 4.65 11.61 36.90
C PRO A 216 4.98 10.70 35.73
N LYS A 217 5.45 9.48 36.05
CA LYS A 217 5.86 8.55 35.00
C LYS A 217 4.69 8.14 34.13
N SER A 218 3.48 8.19 34.68
CA SER A 218 2.31 7.89 33.88
C SER A 218 2.17 8.84 32.70
N HIS A 219 2.77 10.03 32.79
CA HIS A 219 2.61 11.07 31.79
C HIS A 219 3.94 11.46 31.16
N PHE A 220 4.98 10.63 31.25
CA PHE A 220 6.36 11.00 30.91
C PHE A 220 7.04 9.76 30.34
N TYR A 221 6.88 9.55 29.05
CA TYR A 221 7.51 8.41 28.40
C TYR A 221 8.82 8.84 27.72
N THR A 222 9.88 8.09 27.99
CA THR A 222 11.17 8.29 27.37
C THR A 222 11.75 6.95 26.92
N SER A 223 12.40 6.95 25.76
CA SER A 223 12.99 5.71 25.30
C SER A 223 14.16 5.98 24.38
N SER A 224 15.25 5.23 24.56
CA SER A 224 16.34 5.21 23.60
C SER A 224 15.97 4.21 22.51
N TYR A 225 15.97 4.66 21.25
CA TYR A 225 15.68 3.79 20.10
C TYR A 225 16.94 3.30 19.39
N TRP A 226 18.09 3.94 19.59
CA TRP A 226 19.34 3.47 19.01
C TRP A 226 20.47 4.24 19.69
N LYS A 227 21.70 3.85 19.39
CA LYS A 227 22.86 4.57 19.89
C LYS A 227 23.98 4.56 18.87
N ILE A 228 24.61 5.73 18.73
CA ILE A 228 25.74 5.90 17.82
C ILE A 228 26.80 4.83 18.06
N GLY A 229 27.26 4.21 16.98
CA GLY A 229 28.30 3.21 17.08
C GLY A 229 27.85 1.84 17.55
N CYS A 230 26.58 1.68 17.93
CA CYS A 230 26.05 0.42 18.42
C CYS A 230 25.07 -0.18 17.42
N ASN A 231 25.24 -1.47 17.14
CA ASN A 231 24.17 -2.21 16.51
C ASN A 231 23.12 -2.50 17.58
N GLU A 232 21.95 -2.99 17.15
CA GLU A 232 20.83 -3.05 18.09
C GLU A 232 21.16 -3.93 19.31
N GLY A 233 21.91 -5.02 19.11
CA GLY A 233 22.29 -5.85 20.24
C GLY A 233 23.13 -5.11 21.26
N GLU A 234 24.14 -4.37 20.78
CA GLU A 234 24.96 -3.57 21.70
C GLU A 234 24.12 -2.49 22.36
N HIS A 235 23.16 -1.95 21.63
CA HIS A 235 22.32 -0.89 22.16
C HIS A 235 21.43 -1.41 23.29
N LYS A 236 20.90 -2.63 23.14
CA LYS A 236 19.95 -3.15 24.12
C LYS A 236 20.56 -3.21 25.50
N LEU A 237 21.85 -3.52 25.60
CA LEU A 237 22.48 -3.61 26.90
C LEU A 237 22.54 -2.25 27.56
N VAL A 238 23.13 -1.26 26.86
CA VAL A 238 23.22 0.10 27.38
C VAL A 238 21.85 0.60 27.83
N LYS A 239 20.84 0.35 27.00
CA LYS A 239 19.51 0.85 27.29
C LYS A 239 18.95 0.22 28.56
N GLN A 240 19.14 -1.09 28.72
CA GLN A 240 18.62 -1.77 29.90
C GLN A 240 19.32 -1.27 31.16
N GLN A 241 20.64 -1.03 31.08
CA GLN A 241 21.36 -0.52 32.25
C GLN A 241 20.88 0.88 32.64
N ASP A 242 20.66 1.75 31.65
CA ASP A 242 20.19 3.10 31.94
C ASP A 242 18.78 3.07 32.50
N GLU A 243 17.93 2.14 32.04
CA GLU A 243 16.57 2.05 32.55
C GLU A 243 16.55 1.57 34.00
N GLN A 244 17.54 0.80 34.42
CA GLN A 244 17.61 0.33 35.79
C GLN A 244 18.05 1.44 36.73
N LEU A 245 19.17 2.09 36.41
CA LEU A 245 19.67 3.23 37.17
C LEU A 245 18.54 4.20 37.55
N GLU A 246 17.56 4.38 36.67
CA GLU A 246 16.40 5.23 36.98
C GLU A 246 15.42 4.55 37.96
N PRO B 6 -21.55 -13.74 -35.67
CA PRO B 6 -20.47 -13.63 -34.68
C PRO B 6 -19.35 -14.58 -35.00
N ARG B 7 -18.16 -14.20 -34.58
CA ARG B 7 -16.95 -14.93 -34.94
C ARG B 7 -16.74 -16.18 -34.10
N GLU B 8 -16.27 -17.26 -34.73
CA GLU B 8 -15.95 -18.50 -34.02
C GLU B 8 -14.44 -18.67 -33.96
N LEU B 9 -13.88 -18.68 -32.74
CA LEU B 9 -12.46 -18.82 -32.53
C LEU B 9 -12.16 -20.17 -31.88
N THR B 10 -10.94 -20.65 -32.11
CA THR B 10 -10.50 -21.95 -31.63
C THR B 10 -9.52 -21.80 -30.48
N VAL B 11 -9.70 -22.61 -29.44
CA VAL B 11 -8.71 -22.68 -28.36
C VAL B 11 -7.44 -23.35 -28.85
N ILE B 12 -6.32 -22.63 -28.82
CA ILE B 12 -5.04 -23.17 -29.29
C ILE B 12 -3.97 -23.10 -28.23
N GLY B 13 -4.32 -22.75 -26.99
CA GLY B 13 -3.40 -22.80 -25.88
C GLY B 13 -4.00 -22.41 -24.54
N LYS B 14 -3.42 -22.92 -23.45
CA LYS B 14 -3.81 -22.55 -22.09
C LYS B 14 -2.54 -22.36 -21.27
N THR B 15 -2.54 -21.34 -20.41
CA THR B 15 -1.39 -20.99 -19.59
C THR B 15 -1.92 -20.58 -18.24
N GLN B 16 -1.44 -21.24 -17.19
CA GLN B 16 -1.76 -20.85 -15.82
C GLN B 16 -0.80 -19.73 -15.48
N VAL B 17 -1.26 -18.49 -15.61
CA VAL B 17 -0.37 -17.36 -15.38
C VAL B 17 -0.01 -17.27 -13.91
N THR B 18 -1.01 -17.33 -13.06
CA THR B 18 -0.84 -17.42 -11.61
C THR B 18 -1.93 -18.36 -11.13
N PRO B 19 -1.97 -18.74 -9.87
CA PRO B 19 -2.97 -19.77 -9.48
C PRO B 19 -4.39 -19.38 -9.80
N HIS B 20 -4.76 -18.10 -9.68
CA HIS B 20 -6.13 -17.70 -9.97
C HIS B 20 -6.28 -16.92 -11.27
N MET B 21 -5.29 -16.99 -12.18
CA MET B 21 -5.41 -16.32 -13.46
C MET B 21 -5.04 -17.30 -14.56
N LEU B 22 -6.02 -17.65 -15.39
CA LEU B 22 -5.87 -18.66 -16.42
C LEU B 22 -6.03 -17.99 -17.77
N ARG B 23 -5.00 -18.07 -18.61
CA ARG B 23 -4.97 -17.41 -19.91
C ARG B 23 -5.31 -18.38 -21.03
N ILE B 24 -6.32 -18.02 -21.84
CA ILE B 24 -6.74 -18.82 -22.99
C ILE B 24 -6.32 -18.11 -24.27
N THR B 25 -5.67 -18.82 -25.18
CA THR B 25 -5.34 -18.29 -26.49
C THR B 25 -6.37 -18.74 -27.52
N LEU B 26 -6.92 -17.79 -28.27
CA LEU B 26 -7.96 -18.05 -29.25
C LEU B 26 -7.45 -17.62 -30.61
N GLY B 27 -7.65 -18.47 -31.60
CA GLY B 27 -7.22 -18.15 -32.95
C GLY B 27 -7.92 -19.08 -33.92
N GLY B 28 -7.22 -19.53 -34.95
CA GLY B 28 -7.83 -20.41 -35.91
C GLY B 28 -8.39 -19.64 -37.08
N ALA B 29 -9.14 -20.35 -37.93
CA ALA B 29 -9.58 -19.77 -39.18
C ALA B 29 -10.57 -18.63 -38.96
N GLY B 30 -11.36 -18.70 -37.90
CA GLY B 30 -12.32 -17.66 -37.61
C GLY B 30 -11.72 -16.33 -37.24
N PHE B 31 -10.42 -16.28 -36.97
CA PHE B 31 -9.81 -15.02 -36.56
C PHE B 31 -9.64 -14.06 -37.73
N ALA B 32 -9.68 -14.57 -38.95
CA ALA B 32 -9.42 -13.77 -40.13
C ALA B 32 -10.27 -12.52 -40.13
N GLY B 33 -9.63 -11.37 -40.31
CA GLY B 33 -10.38 -10.14 -40.37
C GLY B 33 -10.58 -9.46 -39.04
N PHE B 34 -10.17 -10.10 -37.95
CA PHE B 34 -10.26 -9.46 -36.64
C PHE B 34 -9.43 -8.17 -36.68
N PRO B 35 -9.95 -7.05 -36.17
CA PRO B 35 -9.20 -5.79 -36.20
C PRO B 35 -7.88 -5.89 -35.49
N ALA B 36 -6.87 -5.25 -36.03
CA ALA B 36 -5.56 -5.29 -35.43
C ALA B 36 -5.47 -4.33 -34.24
N ASP B 37 -4.51 -4.61 -33.36
CA ASP B 37 -4.11 -3.74 -32.25
C ASP B 37 -5.31 -3.31 -31.41
N GLN B 38 -5.97 -4.33 -30.85
CA GLN B 38 -7.10 -4.13 -29.95
C GLN B 38 -6.81 -4.51 -28.51
N GLU B 39 -5.53 -4.61 -28.12
CA GLU B 39 -5.23 -4.93 -26.72
C GLU B 39 -5.90 -3.92 -25.78
N SER B 40 -6.54 -4.45 -24.74
CA SER B 40 -7.33 -3.82 -23.68
C SER B 40 -8.74 -3.53 -24.13
N ALA B 41 -9.07 -3.69 -25.41
CA ALA B 41 -10.46 -3.63 -25.79
C ALA B 41 -11.19 -4.83 -25.19
N TYR B 42 -12.49 -4.68 -25.02
CA TYR B 42 -13.31 -5.74 -24.45
C TYR B 42 -13.95 -6.55 -25.57
N ILE B 43 -14.15 -7.84 -25.31
CA ILE B 43 -14.93 -8.70 -26.18
C ILE B 43 -16.00 -9.36 -25.34
N LYS B 44 -16.98 -9.93 -26.03
CA LYS B 44 -18.06 -10.68 -25.42
C LYS B 44 -17.88 -12.13 -25.81
N LEU B 45 -17.88 -12.99 -24.82
CA LEU B 45 -17.94 -14.43 -25.03
C LEU B 45 -19.39 -14.87 -25.02
N LEU B 46 -19.77 -15.71 -25.96
CA LEU B 46 -21.16 -16.15 -26.09
C LEU B 46 -21.27 -17.60 -25.67
N PHE B 47 -22.15 -17.88 -24.71
CA PHE B 47 -22.32 -19.23 -24.20
C PHE B 47 -23.71 -19.74 -24.54
N PRO B 48 -23.84 -20.76 -25.36
CA PRO B 48 -25.19 -21.14 -25.78
C PRO B 48 -25.93 -21.67 -24.57
N GLN B 49 -27.24 -21.44 -24.56
CA GLN B 49 -28.07 -21.87 -23.45
C GLN B 49 -28.96 -22.99 -23.93
N GLN B 50 -29.22 -23.93 -23.04
CA GLN B 50 -30.12 -25.01 -23.38
C GLN B 50 -31.51 -24.43 -23.49
N GLY B 51 -32.16 -24.68 -24.62
CA GLY B 51 -33.55 -24.30 -24.77
C GLY B 51 -33.79 -22.82 -24.90
N ASP B 52 -32.82 -22.05 -25.36
CA ASP B 52 -33.01 -20.61 -25.54
C ASP B 52 -32.07 -20.19 -26.66
N GLU B 53 -32.61 -19.46 -27.63
CA GLU B 53 -31.81 -19.07 -28.79
C GLU B 53 -30.80 -17.97 -28.47
N ARG B 54 -31.04 -17.20 -27.45
CA ARG B 54 -30.13 -16.13 -27.09
C ARG B 54 -28.97 -16.69 -26.29
N PRO B 55 -27.74 -16.35 -26.61
CA PRO B 55 -26.61 -16.83 -25.80
C PRO B 55 -26.51 -16.05 -24.52
N LEU B 56 -25.94 -16.67 -23.49
CA LEU B 56 -25.43 -15.89 -22.38
C LEU B 56 -24.13 -15.20 -22.79
N MET B 57 -23.92 -13.99 -22.29
CA MET B 57 -22.78 -13.18 -22.67
C MET B 57 -21.96 -12.75 -21.47
N ARG B 58 -20.65 -12.80 -21.63
CA ARG B 58 -19.74 -12.41 -20.57
C ARG B 58 -18.64 -11.53 -21.16
N THR B 59 -18.25 -10.50 -20.42
CA THR B 59 -17.32 -9.49 -20.91
C THR B 59 -15.93 -9.78 -20.38
N TYR B 60 -14.94 -9.80 -21.30
CA TYR B 60 -13.54 -10.06 -21.00
C TYR B 60 -12.67 -9.10 -21.80
N THR B 61 -11.43 -9.00 -21.38
CA THR B 61 -10.46 -8.08 -21.96
C THR B 61 -9.52 -8.84 -22.89
N ILE B 62 -9.16 -8.23 -24.00
CA ILE B 62 -8.08 -8.73 -24.83
C ILE B 62 -6.77 -8.38 -24.13
N ARG B 63 -6.12 -9.39 -23.55
CA ARG B 63 -4.87 -9.18 -22.82
C ARG B 63 -3.67 -8.95 -23.73
N GLN B 64 -3.56 -9.73 -24.82
CA GLN B 64 -2.49 -9.64 -25.81
C GLN B 64 -3.07 -10.01 -27.15
N GLN B 65 -2.47 -9.49 -28.20
CA GLN B 65 -2.91 -9.79 -29.54
C GLN B 65 -1.69 -9.96 -30.43
N ARG B 66 -1.72 -10.99 -31.25
CA ARG B 66 -0.69 -11.29 -32.22
C ARG B 66 -1.38 -11.34 -33.57
N MET B 67 -0.62 -11.70 -34.60
CA MET B 67 -1.14 -11.59 -35.96
C MET B 67 -2.45 -12.34 -36.10
N ASN B 68 -2.51 -13.58 -35.59
CA ASN B 68 -3.66 -14.46 -35.82
C ASN B 68 -4.23 -15.02 -34.52
N GLU B 69 -4.03 -14.33 -33.40
CA GLU B 69 -4.39 -14.86 -32.09
C GLU B 69 -4.62 -13.72 -31.12
N ILE B 70 -5.48 -13.96 -30.12
CA ILE B 70 -5.60 -13.11 -28.94
C ILE B 70 -5.48 -14.01 -27.71
N ASP B 71 -4.98 -13.42 -26.62
CA ASP B 71 -5.03 -14.02 -25.30
C ASP B 71 -6.08 -13.32 -24.46
N VAL B 72 -6.83 -14.12 -23.68
CA VAL B 72 -7.83 -13.64 -22.73
C VAL B 72 -7.52 -14.24 -21.38
N ASP B 73 -7.49 -13.40 -20.34
CA ASP B 73 -7.09 -13.80 -18.99
C ASP B 73 -8.34 -13.89 -18.12
N PHE B 74 -8.56 -15.07 -17.53
CA PHE B 74 -9.74 -15.38 -16.73
C PHE B 74 -9.35 -15.48 -15.26
N VAL B 75 -10.02 -14.69 -14.41
CA VAL B 75 -9.92 -14.87 -12.97
C VAL B 75 -10.67 -16.13 -12.58
N LEU B 76 -9.99 -17.04 -11.88
CA LEU B 76 -10.65 -18.25 -11.42
C LEU B 76 -11.31 -17.92 -10.11
N HIS B 77 -12.44 -17.23 -10.21
CA HIS B 77 -13.05 -16.63 -9.05
C HIS B 77 -13.91 -17.65 -8.32
N ASP B 78 -14.20 -17.33 -7.05
CA ASP B 78 -15.16 -18.07 -6.23
C ASP B 78 -16.55 -18.02 -6.85
N THR B 79 -17.27 -19.11 -6.72
CA THR B 79 -18.62 -19.18 -7.25
C THR B 79 -18.56 -19.14 -8.77
N ASP B 80 -18.19 -20.25 -9.37
CA ASP B 80 -18.07 -20.30 -10.81
C ASP B 80 -19.31 -19.76 -11.49
N GLY B 81 -19.08 -19.09 -12.60
CA GLY B 81 -20.12 -18.83 -13.56
C GLY B 81 -19.79 -19.57 -14.84
N PRO B 82 -20.58 -19.39 -15.89
CA PRO B 82 -20.30 -20.10 -17.14
C PRO B 82 -18.95 -19.75 -17.73
N ALA B 83 -18.49 -18.52 -17.59
CA ALA B 83 -17.24 -18.16 -18.24
C ALA B 83 -16.05 -18.78 -17.51
N SER B 84 -16.01 -18.65 -16.18
CA SER B 84 -14.87 -19.24 -15.47
C SER B 84 -14.91 -20.76 -15.54
N ARG B 85 -16.09 -21.38 -15.54
CA ARG B 85 -16.16 -22.83 -15.75
C ARG B 85 -15.63 -23.19 -17.13
N TRP B 86 -16.02 -22.43 -18.14
CA TRP B 86 -15.59 -22.75 -19.50
C TRP B 86 -14.07 -22.68 -19.58
N ALA B 87 -13.46 -21.68 -18.94
CA ALA B 87 -12.02 -21.52 -19.10
C ALA B 87 -11.29 -22.69 -18.51
N LYS B 88 -11.76 -23.19 -17.37
CA LYS B 88 -11.12 -24.35 -16.74
C LYS B 88 -11.37 -25.61 -17.54
N SER B 89 -12.57 -25.77 -18.08
CA SER B 89 -12.92 -27.03 -18.71
C SER B 89 -12.54 -27.10 -20.17
N THR B 90 -12.33 -25.98 -20.85
CA THR B 90 -12.21 -26.07 -22.29
C THR B 90 -10.89 -26.73 -22.66
N GLU B 91 -10.87 -27.28 -23.86
CA GLU B 91 -9.75 -28.07 -24.35
C GLU B 91 -9.28 -27.52 -25.67
N ILE B 92 -8.00 -27.72 -25.96
CA ILE B 92 -7.47 -27.32 -27.25
C ILE B 92 -8.32 -27.92 -28.35
N GLY B 93 -8.67 -27.10 -29.32
CA GLY B 93 -9.47 -27.54 -30.42
C GLY B 93 -10.92 -27.15 -30.31
N ASP B 94 -11.40 -26.90 -29.10
CA ASP B 94 -12.76 -26.42 -28.87
C ASP B 94 -12.89 -25.03 -29.45
N THR B 95 -14.13 -24.65 -29.71
CA THR B 95 -14.41 -23.34 -30.25
C THR B 95 -15.41 -22.60 -29.37
N ILE B 96 -15.39 -21.28 -29.52
CA ILE B 96 -16.30 -20.41 -28.80
C ILE B 96 -16.58 -19.21 -29.69
N GLN B 97 -17.82 -18.75 -29.66
CA GLN B 97 -18.21 -17.57 -30.41
C GLN B 97 -17.93 -16.34 -29.59
N ILE B 98 -17.44 -15.30 -30.24
CA ILE B 98 -17.16 -14.06 -29.53
C ILE B 98 -17.75 -12.89 -30.32
N GLY B 99 -18.16 -11.86 -29.60
CA GLY B 99 -18.57 -10.61 -30.20
C GLY B 99 -17.59 -9.51 -29.86
N GLY B 100 -17.58 -8.44 -30.66
CA GLY B 100 -16.67 -7.35 -30.42
C GLY B 100 -15.52 -7.41 -31.38
N PRO B 101 -14.45 -6.68 -31.08
CA PRO B 101 -14.17 -5.94 -29.85
C PRO B 101 -14.91 -4.62 -29.75
N GLY B 102 -15.07 -4.16 -28.51
CA GLY B 102 -15.56 -2.84 -28.24
C GLY B 102 -14.46 -1.81 -28.34
N LEU B 103 -14.83 -0.58 -27.97
CA LEU B 103 -13.88 0.52 -28.02
C LEU B 103 -12.90 0.41 -26.87
N LYS B 104 -11.61 0.60 -27.15
CA LYS B 104 -10.62 0.65 -26.09
C LYS B 104 -10.85 1.89 -25.26
N LYS B 105 -10.61 1.78 -23.95
CA LYS B 105 -10.75 2.91 -23.04
C LYS B 105 -9.44 2.92 -22.27
N LEU B 106 -8.41 3.48 -22.89
CA LEU B 106 -7.09 3.59 -22.27
C LEU B 106 -7.04 4.85 -21.41
N ILE B 107 -6.16 4.83 -20.41
CA ILE B 107 -5.94 6.00 -19.58
C ILE B 107 -5.46 7.16 -20.44
N ASN B 108 -5.80 8.37 -20.03
CA ASN B 108 -5.39 9.55 -20.77
C ASN B 108 -3.89 9.78 -20.59
N LEU B 109 -3.16 9.84 -21.70
CA LEU B 109 -1.71 10.02 -21.63
C LEU B 109 -1.28 11.48 -21.51
N ASN B 110 -2.21 12.43 -21.65
CA ASN B 110 -1.90 13.86 -21.53
C ASN B 110 -1.94 14.22 -20.04
N ALA B 111 -0.86 13.87 -19.34
CA ALA B 111 -0.83 14.08 -17.91
C ALA B 111 0.60 14.00 -17.40
N GLU B 112 0.80 14.59 -16.23
CA GLU B 112 2.08 14.58 -15.54
C GLU B 112 2.23 13.41 -14.58
N TRP B 113 1.14 12.77 -14.17
CA TRP B 113 1.23 11.56 -13.38
C TRP B 113 0.03 10.67 -13.66
N PHE B 114 0.17 9.40 -13.26
CA PHE B 114 -0.81 8.39 -13.60
C PHE B 114 -1.13 7.56 -12.38
N LEU B 115 -2.41 7.33 -12.16
CA LEU B 115 -2.91 6.46 -11.09
C LEU B 115 -3.82 5.42 -11.69
N LEU B 116 -3.39 4.17 -11.67
CA LEU B 116 -4.20 3.04 -12.12
C LEU B 116 -4.55 2.16 -10.93
N ALA B 117 -5.78 1.65 -10.90
CA ALA B 117 -6.15 0.80 -9.78
C ALA B 117 -7.20 -0.20 -10.25
N GLY B 118 -7.20 -1.38 -9.63
CA GLY B 118 -8.27 -2.34 -9.91
C GLY B 118 -8.04 -3.65 -9.19
N ASP B 119 -8.97 -4.59 -9.41
CA ASP B 119 -8.78 -5.93 -8.86
C ASP B 119 -8.37 -6.85 -9.99
N MET B 120 -8.46 -8.16 -9.78
CA MET B 120 -7.91 -9.04 -10.80
C MET B 120 -8.70 -8.98 -12.11
N THR B 121 -10.00 -8.60 -12.06
CA THR B 121 -10.73 -8.50 -13.33
C THR B 121 -10.19 -7.39 -14.19
N ALA B 122 -9.51 -6.41 -13.60
CA ALA B 122 -8.92 -5.30 -14.33
C ALA B 122 -7.43 -5.48 -14.54
N LEU B 123 -6.82 -6.50 -13.97
CA LEU B 123 -5.38 -6.66 -14.14
C LEU B 123 -4.99 -6.79 -15.60
N PRO B 124 -5.76 -7.47 -16.47
CA PRO B 124 -5.36 -7.51 -17.90
C PRO B 124 -5.31 -6.12 -18.52
N ALA B 125 -6.35 -5.31 -18.31
CA ALA B 125 -6.36 -3.98 -18.88
C ALA B 125 -5.28 -3.09 -18.28
N ILE B 126 -5.03 -3.24 -16.98
CA ILE B 126 -4.00 -2.41 -16.36
C ILE B 126 -2.65 -2.77 -16.92
N SER B 127 -2.42 -4.07 -17.12
CA SER B 127 -1.17 -4.54 -17.70
C SER B 127 -0.92 -3.89 -19.04
N VAL B 128 -1.95 -3.81 -19.89
CA VAL B 128 -1.78 -3.20 -21.20
C VAL B 128 -1.53 -1.70 -21.05
N ASN B 129 -2.33 -1.03 -20.21
CA ASN B 129 -2.14 0.42 -20.04
C ASN B 129 -0.72 0.73 -19.59
N LEU B 130 -0.18 -0.09 -18.69
CA LEU B 130 1.17 0.16 -18.20
C LEU B 130 2.19 0.08 -19.32
N THR B 131 1.96 -0.78 -20.33
CA THR B 131 2.87 -0.82 -21.47
C THR B 131 2.71 0.35 -22.41
N GLN B 132 1.61 1.11 -22.33
CA GLN B 132 1.42 2.30 -23.14
C GLN B 132 1.89 3.58 -22.47
N LEU B 133 2.25 3.55 -21.20
CA LEU B 133 2.73 4.78 -20.57
C LEU B 133 4.14 5.11 -21.08
N PRO B 134 4.51 6.39 -21.12
CA PRO B 134 5.89 6.72 -21.49
C PRO B 134 6.87 6.15 -20.48
N ASN B 135 8.11 5.90 -20.92
CA ASN B 135 9.09 5.31 -20.00
C ASN B 135 9.38 6.21 -18.81
N ASN B 136 9.20 7.54 -18.94
CA ASN B 136 9.48 8.44 -17.83
C ASN B 136 8.26 8.69 -16.93
N ALA B 137 7.20 7.91 -17.12
CA ALA B 137 5.95 8.15 -16.40
C ALA B 137 6.13 8.00 -14.90
N VAL B 138 5.31 8.75 -14.17
CA VAL B 138 5.34 8.79 -12.71
C VAL B 138 3.94 8.46 -12.19
N GLY B 139 3.88 7.66 -11.12
CA GLY B 139 2.62 7.47 -10.43
C GLY B 139 2.52 6.17 -9.66
N TYR B 140 1.32 5.57 -9.67
CA TYR B 140 1.04 4.35 -8.95
C TYR B 140 0.21 3.41 -9.83
N ALA B 141 0.44 2.11 -9.68
CA ALA B 141 -0.52 1.09 -10.10
C ALA B 141 -0.82 0.21 -8.89
N VAL B 142 -2.08 0.17 -8.48
CA VAL B 142 -2.48 -0.50 -7.25
C VAL B 142 -3.47 -1.59 -7.61
N ILE B 143 -3.09 -2.84 -7.36
CA ILE B 143 -3.88 -3.97 -7.82
C ILE B 143 -4.19 -4.90 -6.67
N GLU B 144 -5.48 -5.21 -6.51
CA GLU B 144 -5.97 -6.14 -5.51
C GLU B 144 -6.00 -7.56 -6.11
N VAL B 145 -5.30 -8.50 -5.49
CA VAL B 145 -5.22 -9.88 -5.94
C VAL B 145 -5.60 -10.80 -4.79
N LEU B 146 -5.98 -12.03 -5.15
CA LEU B 146 -6.49 -13.00 -4.19
C LEU B 146 -5.40 -13.58 -3.29
N SER B 147 -4.15 -13.65 -3.76
CA SER B 147 -3.10 -14.26 -2.95
C SER B 147 -1.77 -13.71 -3.42
N GLU B 148 -0.73 -13.87 -2.60
CA GLU B 148 0.57 -13.37 -3.02
C GLU B 148 1.06 -14.04 -4.30
N ALA B 149 0.63 -15.28 -4.55
CA ALA B 149 1.07 -15.99 -5.74
C ALA B 149 0.49 -15.38 -6.99
N ASP B 150 -0.53 -14.54 -6.84
CA ASP B 150 -1.17 -13.90 -7.98
C ASP B 150 -0.51 -12.58 -8.32
N ILE B 151 0.52 -12.19 -7.58
CA ILE B 151 1.32 -11.09 -8.03
C ILE B 151 2.05 -11.47 -9.31
N GLN B 152 2.08 -10.55 -10.27
CA GLN B 152 2.70 -10.76 -11.58
C GLN B 152 3.87 -9.81 -11.81
N PRO B 153 4.90 -10.23 -12.57
CA PRO B 153 5.99 -9.33 -12.94
C PRO B 153 5.66 -8.42 -14.13
N LEU B 154 4.97 -7.32 -13.86
CA LEU B 154 4.43 -6.52 -14.94
C LEU B 154 5.49 -5.60 -15.52
N VAL B 155 5.43 -5.42 -16.83
CA VAL B 155 6.18 -4.35 -17.48
C VAL B 155 5.59 -3.02 -17.06
N HIS B 156 6.44 -2.06 -16.66
CA HIS B 156 5.96 -0.75 -16.28
C HIS B 156 7.10 0.25 -16.23
N PRO B 157 6.82 1.54 -16.39
CA PRO B 157 7.87 2.56 -16.20
C PRO B 157 8.40 2.51 -14.77
N ARG B 158 9.73 2.69 -14.61
CA ARG B 158 10.34 2.51 -13.29
C ARG B 158 9.71 3.39 -12.22
N ASN B 159 9.24 4.58 -12.56
CA ASN B 159 8.73 5.52 -11.57
C ASN B 159 7.22 5.49 -11.45
N VAL B 160 6.57 4.52 -12.09
CA VAL B 160 5.20 4.15 -11.75
C VAL B 160 5.33 2.98 -10.78
N GLN B 161 5.05 3.25 -9.50
CA GLN B 161 5.30 2.27 -8.46
C GLN B 161 4.16 1.27 -8.37
N LEU B 162 4.49 -0.02 -8.40
CA LEU B 162 3.49 -1.08 -8.27
C LEU B 162 3.17 -1.33 -6.82
N HIS B 163 1.89 -1.44 -6.52
CA HIS B 163 1.42 -1.73 -5.18
C HIS B 163 0.41 -2.84 -5.28
N TRP B 164 0.61 -3.86 -4.47
CA TRP B 164 -0.27 -5.02 -4.49
C TRP B 164 -1.00 -5.09 -3.16
N VAL B 165 -2.31 -5.28 -3.26
CA VAL B 165 -3.18 -5.46 -2.08
C VAL B 165 -3.68 -6.89 -2.13
N ILE B 166 -3.42 -7.64 -1.09
CA ILE B 166 -3.73 -9.06 -1.09
C ILE B 166 -4.98 -9.21 -0.28
N ASN B 167 -6.05 -9.63 -0.93
CA ASN B 167 -7.36 -9.71 -0.30
C ASN B 167 -8.04 -11.00 -0.77
N PRO B 168 -8.14 -12.03 0.07
CA PRO B 168 -8.61 -13.34 -0.44
C PRO B 168 -10.08 -13.38 -0.75
N GLU B 169 -10.86 -12.41 -0.31
CA GLU B 169 -12.28 -12.39 -0.58
C GLU B 169 -12.71 -10.94 -0.74
N ALA B 170 -13.41 -10.62 -1.81
CA ALA B 170 -13.84 -9.24 -2.03
C ALA B 170 -14.62 -8.71 -0.83
N ASP B 171 -14.42 -7.45 -0.56
CA ASP B 171 -15.00 -6.77 0.59
C ASP B 171 -16.29 -6.07 0.16
N PRO B 172 -17.46 -6.48 0.65
CA PRO B 172 -18.69 -5.75 0.28
C PRO B 172 -18.67 -4.28 0.68
N GLU B 173 -17.86 -3.90 1.66
CA GLU B 173 -17.71 -2.51 2.08
C GLU B 173 -16.73 -1.74 1.21
N GLY B 174 -15.99 -2.41 0.34
CA GLY B 174 -15.17 -1.72 -0.62
C GLY B 174 -13.94 -1.01 -0.09
N LYS B 175 -13.30 -1.54 0.97
CA LYS B 175 -12.22 -0.79 1.61
C LYS B 175 -10.81 -1.02 1.09
N PRO B 176 -10.39 -2.24 0.70
CA PRO B 176 -8.94 -2.51 0.60
C PRO B 176 -8.19 -1.62 -0.37
N LEU B 177 -8.68 -1.44 -1.60
CA LEU B 177 -7.98 -0.59 -2.55
C LEU B 177 -8.03 0.86 -2.12
N ALA B 178 -9.21 1.32 -1.73
CA ALA B 178 -9.35 2.72 -1.35
C ALA B 178 -8.50 3.04 -0.13
N GLU B 179 -8.41 2.10 0.83
CA GLU B 179 -7.64 2.34 2.05
C GLU B 179 -6.15 2.43 1.74
N ARG B 180 -5.67 1.61 0.81
CA ARG B 180 -4.27 1.64 0.41
C ARG B 180 -3.94 2.96 -0.29
N ILE B 181 -4.79 3.37 -1.23
CA ILE B 181 -4.55 4.59 -1.98
C ILE B 181 -4.71 5.84 -1.12
N ALA B 182 -5.65 5.84 -0.16
CA ALA B 182 -5.76 6.98 0.73
C ALA B 182 -4.54 7.16 1.61
N GLN B 183 -3.76 6.11 1.81
CA GLN B 183 -2.61 6.13 2.69
C GLN B 183 -1.31 6.16 1.90
N LEU B 184 -1.40 6.42 0.56
CA LEU B 184 -0.27 6.73 -0.30
C LEU B 184 -0.11 8.23 -0.38
N PRO B 185 1.12 8.73 -0.55
CA PRO B 185 1.29 10.16 -0.74
C PRO B 185 0.49 10.65 -1.92
N LYS B 186 0.02 11.87 -1.81
CA LYS B 186 -0.77 12.51 -2.86
C LYS B 186 0.15 12.95 -3.98
N LEU B 187 -0.30 12.76 -5.21
CA LEU B 187 0.50 13.11 -6.37
C LEU B 187 0.22 14.56 -6.73
N GLU B 188 1.26 15.27 -7.13
CA GLU B 188 1.20 16.70 -7.43
C GLU B 188 1.33 16.91 -8.93
N GLY B 189 0.49 17.77 -9.48
CA GLY B 189 0.50 18.08 -10.90
C GLY B 189 -0.79 17.64 -11.57
N GLN B 190 -0.80 17.74 -12.90
CA GLN B 190 -1.96 17.29 -13.67
C GLN B 190 -1.89 15.78 -13.81
N GLY B 191 -2.96 15.10 -13.40
CA GLY B 191 -2.98 13.66 -13.36
C GLY B 191 -4.00 13.05 -14.30
N ALA B 192 -3.87 11.74 -14.47
CA ALA B 192 -4.89 10.93 -15.11
C ALA B 192 -5.11 9.69 -14.25
N VAL B 193 -6.37 9.30 -14.13
CA VAL B 193 -6.79 8.18 -13.30
C VAL B 193 -7.52 7.17 -14.18
N TRP B 194 -7.29 5.90 -13.91
CA TRP B 194 -7.98 4.81 -14.58
C TRP B 194 -8.21 3.74 -13.52
N LEU B 195 -9.47 3.37 -13.28
CA LEU B 195 -9.69 2.29 -12.33
C LEU B 195 -10.93 1.50 -12.71
N ALA B 196 -10.87 0.21 -12.39
CA ALA B 196 -11.97 -0.72 -12.59
C ALA B 196 -11.84 -1.85 -11.58
N CYS B 197 -12.95 -2.22 -10.95
CA CYS B 197 -12.93 -3.30 -9.96
C CYS B 197 -14.35 -3.68 -9.58
N GLU B 198 -14.51 -4.42 -8.48
CA GLU B 198 -15.82 -4.75 -7.97
C GLU B 198 -16.60 -3.48 -7.60
N PHE B 199 -17.91 -3.52 -7.86
CA PHE B 199 -18.78 -2.34 -7.77
C PHE B 199 -18.55 -1.49 -6.52
N SER B 200 -18.57 -2.10 -5.34
CA SER B 200 -18.48 -1.32 -4.10
C SER B 200 -17.11 -0.70 -3.91
N SER B 201 -16.04 -1.39 -4.37
CA SER B 201 -14.71 -0.80 -4.29
C SER B 201 -14.56 0.32 -5.30
N MET B 202 -15.20 0.17 -6.48
CA MET B 202 -15.19 1.25 -7.45
C MET B 202 -15.81 2.50 -6.86
N ARG B 203 -16.96 2.38 -6.20
CA ARG B 203 -17.61 3.57 -5.65
C ARG B 203 -16.73 4.22 -4.57
N ALA B 204 -16.10 3.41 -3.72
CA ALA B 204 -15.24 3.95 -2.66
C ALA B 204 -14.04 4.69 -3.27
N LEU B 205 -13.41 4.08 -4.26
CA LEU B 205 -12.29 4.73 -4.93
C LEU B 205 -12.73 6.00 -5.63
N ARG B 206 -13.84 5.92 -6.34
CA ARG B 206 -14.35 7.09 -7.05
C ARG B 206 -14.59 8.23 -6.09
N LYS B 207 -15.25 7.95 -4.97
CA LYS B 207 -15.52 9.00 -3.98
C LYS B 207 -14.21 9.60 -3.48
N LEU B 208 -13.29 8.74 -3.08
CA LEU B 208 -12.01 9.19 -2.56
C LEU B 208 -11.30 10.06 -3.59
N LEU B 209 -11.24 9.60 -4.85
CA LEU B 209 -10.44 10.31 -5.83
C LEU B 209 -11.13 11.56 -6.36
N LYS B 210 -12.46 11.59 -6.38
CA LYS B 210 -13.15 12.84 -6.66
C LYS B 210 -12.77 13.89 -5.64
N GLN B 211 -12.65 13.46 -4.38
CA GLN B 211 -12.36 14.37 -3.28
C GLN B 211 -10.89 14.79 -3.27
N THR B 212 -10.00 13.84 -3.51
CA THR B 212 -8.57 14.15 -3.46
C THR B 212 -8.13 15.04 -4.62
N TYR B 213 -8.56 14.74 -5.85
CA TYR B 213 -7.98 15.36 -7.03
C TYR B 213 -8.97 16.13 -7.88
N ASP B 214 -10.26 15.83 -7.79
CA ASP B 214 -11.27 16.53 -8.59
C ASP B 214 -10.83 16.68 -10.05
N LEU B 215 -10.75 15.57 -10.77
CA LEU B 215 -10.29 15.57 -12.16
C LEU B 215 -11.46 15.60 -13.14
N PRO B 216 -11.33 16.20 -14.31
CA PRO B 216 -12.39 16.13 -15.31
C PRO B 216 -12.57 14.71 -15.82
N LYS B 217 -13.73 14.45 -16.43
CA LYS B 217 -14.01 13.09 -16.88
C LYS B 217 -13.02 12.65 -17.92
N SER B 218 -12.49 13.60 -18.70
CA SER B 218 -11.51 13.29 -19.72
C SER B 218 -10.29 12.57 -19.16
N HIS B 219 -10.02 12.74 -17.87
CA HIS B 219 -8.81 12.21 -17.23
C HIS B 219 -9.17 11.32 -16.05
N PHE B 220 -10.40 10.80 -16.00
CA PHE B 220 -10.91 10.14 -14.78
C PHE B 220 -11.86 9.02 -15.23
N TYR B 221 -11.29 7.85 -15.54
CA TYR B 221 -12.07 6.69 -15.94
C TYR B 221 -12.27 5.78 -14.74
N THR B 222 -13.53 5.44 -14.49
CA THR B 222 -13.93 4.48 -13.48
C THR B 222 -14.95 3.54 -14.08
N SER B 223 -14.86 2.26 -13.73
CA SER B 223 -15.82 1.29 -14.23
C SER B 223 -15.96 0.17 -13.21
N SER B 224 -17.20 -0.24 -12.97
CA SER B 224 -17.47 -1.46 -12.22
C SER B 224 -17.41 -2.63 -13.20
N TYR B 225 -16.59 -3.63 -12.87
CA TYR B 225 -16.45 -4.80 -13.76
C TYR B 225 -17.28 -6.01 -13.32
N TRP B 226 -17.72 -6.05 -12.06
CA TRP B 226 -18.58 -7.10 -11.56
C TRP B 226 -19.08 -6.64 -10.20
N LYS B 227 -20.04 -7.38 -9.65
CA LYS B 227 -20.56 -7.08 -8.32
C LYS B 227 -20.85 -8.37 -7.56
N ILE B 228 -20.41 -8.40 -6.30
CA ILE B 228 -20.66 -9.52 -5.40
C ILE B 228 -22.12 -9.91 -5.43
N GLY B 229 -22.39 -11.20 -5.60
CA GLY B 229 -23.75 -11.70 -5.60
C GLY B 229 -24.51 -11.53 -6.90
N CYS B 230 -23.96 -10.85 -7.89
CA CYS B 230 -24.61 -10.66 -9.17
C CYS B 230 -23.87 -11.43 -10.23
N ASN B 231 -24.61 -12.17 -11.06
CA ASN B 231 -24.02 -12.60 -12.32
C ASN B 231 -24.05 -11.41 -13.28
N GLU B 232 -23.37 -11.54 -14.41
CA GLU B 232 -23.09 -10.36 -15.23
C GLU B 232 -24.38 -9.65 -15.66
N GLY B 233 -25.44 -10.41 -15.94
CA GLY B 233 -26.70 -9.79 -16.34
C GLY B 233 -27.27 -8.90 -15.26
N GLU B 234 -27.30 -9.39 -14.03
CA GLU B 234 -27.76 -8.57 -12.91
C GLU B 234 -26.83 -7.38 -12.68
N HIS B 235 -25.53 -7.55 -12.92
CA HIS B 235 -24.58 -6.47 -12.71
C HIS B 235 -24.83 -5.30 -13.68
N LYS B 236 -25.11 -5.59 -14.95
CA LYS B 236 -25.24 -4.52 -15.93
C LYS B 236 -26.28 -3.49 -15.50
N LEU B 237 -27.35 -3.94 -14.84
CA LEU B 237 -28.42 -3.05 -14.38
C LEU B 237 -27.93 -2.12 -13.29
N VAL B 238 -27.37 -2.69 -12.22
CA VAL B 238 -26.77 -1.90 -11.14
C VAL B 238 -25.80 -0.88 -11.71
N LYS B 239 -24.97 -1.32 -12.66
CA LYS B 239 -23.92 -0.45 -13.19
C LYS B 239 -24.53 0.73 -13.96
N GLN B 240 -25.52 0.48 -14.80
CA GLN B 240 -26.13 1.55 -15.58
C GLN B 240 -26.84 2.55 -14.69
N GLN B 241 -27.49 2.06 -13.64
CA GLN B 241 -28.18 2.93 -12.71
C GLN B 241 -27.19 3.83 -11.97
N ASP B 242 -26.07 3.25 -11.53
CA ASP B 242 -25.05 4.04 -10.84
C ASP B 242 -24.35 5.04 -11.77
N GLU B 243 -24.08 4.65 -13.03
CA GLU B 243 -23.41 5.59 -13.92
C GLU B 243 -24.34 6.74 -14.30
N GLN B 244 -25.64 6.51 -14.33
CA GLN B 244 -26.59 7.57 -14.60
C GLN B 244 -26.77 8.46 -13.38
N LEU B 245 -27.10 7.85 -12.24
CA LEU B 245 -27.16 8.57 -10.97
C LEU B 245 -25.95 9.46 -10.79
N GLU B 246 -24.78 8.99 -11.23
CA GLU B 246 -23.56 9.78 -11.13
C GLU B 246 -23.57 10.94 -12.14
N ASN B 247 -23.69 10.60 -13.43
CA ASN B 247 -23.62 11.60 -14.50
C ASN B 247 -24.76 12.60 -14.39
N ASN B 248 -26.01 12.12 -14.53
CA ASN B 248 -27.24 12.92 -14.36
C ASN B 248 -27.14 14.35 -14.90
#